data_9LOH
#
_entry.id   9LOH
#
_cell.length_a   49.137
_cell.length_b   98.469
_cell.length_c   76.791
_cell.angle_alpha   90.00
_cell.angle_beta   107.10
_cell.angle_gamma   90.00
#
_symmetry.space_group_name_H-M   'P 1 21 1'
#
loop_
_entity.id
_entity.type
_entity.pdbx_description
1 polymer 'Aryl hydrocarbon receptor nuclear translocator'
2 polymer 'Endothelial PAS domain-containing protein 1'
3 non-polymer 4-fluoranyl-1,1-bis(oxidanylidene)-~{N}-(2-pyrrolidin-1-ylphenyl)-1,2-benzothiazol-3-amine
4 water water
#
loop_
_entity_poly.entity_id
_entity_poly.type
_entity_poly.pdbx_seq_one_letter_code
_entity_poly.pdbx_strand_id
1 'polypeptide(L)'
;MSSADKERLARENHSEIERRRRNKMTAYITELSDMVPTCSALARKPDKLTILRMAVSHMKSLRGTGNTSTDGSYKPSFLT
DQELKHLILEAADGFLFIVSCETGRVVYVSDSVTPVLNQPQSEWFGSTLYDQVHPDDVDKLREQLSTSENALTGRVLDLK
TGTVKKEGQQSSMRMCMGSRRSFICRMRCGTSSVDPVSMNRLSFLRNRCRNGLGSVKEGEPHFVVVHCTGYIKAWPPAGV
SLPDDDPEAGQGSKFCLVAIGRLQVTSSPNCTDMSNICQPTEFISRHNIEGIFTFVDHRCVATVGYQPQELLGKNIVEFC
HPEDQQLLRDSFQQVVKLKGQVLSVMFRFRSKTREWLWMRTSSFTFQNPYSDEIEYIICTNTNV
;
A
2 'polypeptide(L)'
;MADKEKKRSSSELRKEKSRDAARCRRSKETEVFYELAHELPLPHSVSSHLDKASIMRLAISFLRTHKLLSSVCSENESEA
EADQQMDNLYLKALEGFIAVVTQDGDMIFLSENISKFMGLTQVELTGHSIFDFTHPCDHEEIRENLTLKNGSGFGKKSKD
VSTERDFFMRMKCTVTNRGRTVNLKSATWKVLHCTGQVRVYNNCPPHSSLCGSKEPLLSCLIIMCEPIQHPSHMDIPLDS
KTFLSRHSMDMKFTYCDDRILELIGYHPEELLGRSAYEFYHALDSENMTKSHQNLCTKGQVVSGQYRMLAKHGGYVWLET
QGTVIYNPRNLQPQCIMCVNYVLSEIEKNDVVFSMDQTESLEHHHHHH
;
B
#
# COMPACT_ATOMS: atom_id res chain seq x y z
N ARG A 20 -30.05 17.33 23.26
CA ARG A 20 -28.96 16.47 22.79
C ARG A 20 -27.61 17.00 23.25
N ARG A 21 -27.48 18.34 23.25
CA ARG A 21 -26.20 18.95 23.61
C ARG A 21 -25.84 18.68 25.06
N ARG A 22 -26.82 18.75 25.96
CA ARG A 22 -26.54 18.59 27.39
C ARG A 22 -26.04 17.19 27.71
N ASN A 23 -26.68 16.17 27.13
CA ASN A 23 -26.27 14.79 27.40
C ASN A 23 -24.84 14.53 26.94
N LYS A 24 -24.51 14.98 25.72
CA LYS A 24 -23.15 14.75 25.22
C LYS A 24 -22.12 15.60 25.97
N MET A 25 -22.49 16.80 26.40
CA MET A 25 -21.56 17.59 27.21
C MET A 25 -21.28 16.92 28.54
N THR A 26 -22.32 16.42 29.20
CA THR A 26 -22.12 15.70 30.45
C THR A 26 -21.32 14.43 30.25
N ALA A 27 -21.56 13.73 29.14
CA ALA A 27 -20.77 12.53 28.84
C ALA A 27 -19.32 12.87 28.56
N TYR A 28 -19.06 14.03 27.95
CA TYR A 28 -17.67 14.44 27.72
C TYR A 28 -16.98 14.79 29.04
N ILE A 29 -17.68 15.49 29.93
CA ILE A 29 -17.10 15.79 31.24
C ILE A 29 -16.84 14.50 32.00
N THR A 30 -17.74 13.52 31.89
CA THR A 30 -17.55 12.25 32.57
C THR A 30 -16.38 11.47 31.99
N GLU A 31 -16.23 11.50 30.66
CA GLU A 31 -15.07 10.86 30.03
C GLU A 31 -13.78 11.50 30.51
N LEU A 32 -13.72 12.84 30.52
CA LEU A 32 -12.53 13.51 31.02
C LEU A 32 -12.27 13.16 32.49
N SER A 33 -13.34 12.95 33.27
CA SER A 33 -13.15 12.53 34.66
C SER A 33 -12.68 11.08 34.73
N ASP A 34 -13.30 10.19 33.95
CA ASP A 34 -12.85 8.80 33.89
C ASP A 34 -11.47 8.68 33.26
N MET A 35 -11.01 9.71 32.55
CA MET A 35 -9.70 9.69 31.91
C MET A 35 -8.60 10.21 32.83
N VAL A 36 -8.86 11.32 33.51
CA VAL A 36 -7.86 11.89 34.46
C VAL A 36 -8.07 11.24 35.83
N PRO A 37 -7.12 10.45 36.36
CA PRO A 37 -7.36 9.70 37.59
C PRO A 37 -7.12 10.42 38.89
N THR A 38 -6.72 11.70 38.84
CA THR A 38 -6.35 12.38 40.07
C THR A 38 -7.50 13.07 40.78
N CYS A 39 -8.68 13.18 40.17
CA CYS A 39 -9.90 13.37 40.94
C CYS A 39 -10.82 12.17 40.81
N SER A 40 -10.36 11.08 40.23
CA SER A 40 -11.20 9.90 40.15
C SER A 40 -11.20 9.19 41.48
N PRO A 46 -16.26 14.26 43.31
CA PRO A 46 -16.51 14.37 41.86
C PRO A 46 -17.36 15.61 41.54
N ASP A 47 -16.68 16.76 41.45
CA ASP A 47 -17.36 18.05 41.21
C ASP A 47 -17.39 18.34 39.72
N LYS A 48 -17.84 19.54 39.35
CA LYS A 48 -17.96 19.86 37.92
C LYS A 48 -16.95 20.86 37.33
N LEU A 49 -17.06 22.14 37.65
CA LEU A 49 -16.19 23.13 37.00
C LEU A 49 -14.72 22.91 37.34
N THR A 50 -14.44 22.36 38.52
CA THR A 50 -13.05 22.12 38.92
C THR A 50 -12.41 21.02 38.08
N ILE A 51 -13.21 20.13 37.47
CA ILE A 51 -12.64 19.12 36.59
C ILE A 51 -11.83 19.75 35.47
N LEU A 52 -12.27 20.90 34.98
CA LEU A 52 -11.58 21.53 33.86
C LEU A 52 -10.20 22.06 34.29
N ARG A 53 -10.14 22.79 35.41
CA ARG A 53 -8.85 23.25 35.91
C ARG A 53 -7.96 22.09 36.30
N MET A 54 -8.55 21.00 36.79
CA MET A 54 -7.76 19.79 37.11
C MET A 54 -7.16 19.22 35.82
N ALA A 55 -7.97 19.13 34.77
CA ALA A 55 -7.51 18.59 33.51
C ALA A 55 -6.40 19.45 32.93
N VAL A 56 -6.48 20.77 33.12
CA VAL A 56 -5.40 21.61 32.62
C VAL A 56 -4.14 21.37 33.44
N SER A 57 -4.30 21.11 34.75
CA SER A 57 -3.13 20.88 35.59
C SER A 57 -2.49 19.53 35.31
N HIS A 58 -3.30 18.51 35.00
CA HIS A 58 -2.78 17.21 34.65
C HIS A 58 -2.21 17.21 33.23
N MET A 59 -2.67 18.13 32.39
CA MET A 59 -2.11 18.31 31.06
C MET A 59 -0.78 19.03 31.11
N LYS A 60 -0.66 20.04 31.97
CA LYS A 60 0.60 20.73 32.20
C LYS A 60 1.66 19.85 32.84
N SER A 61 1.27 18.69 33.38
CA SER A 61 2.21 17.74 33.96
C SER A 61 2.75 16.74 32.93
N LEU A 62 2.68 17.07 31.65
CA LEU A 62 3.18 16.20 30.60
C LEU A 62 4.08 16.96 29.64
N THR A 80 4.83 15.65 23.71
CA THR A 80 4.07 14.94 22.68
C THR A 80 4.90 14.83 21.40
N ASP A 81 6.20 15.09 21.51
CA ASP A 81 7.05 15.19 20.33
C ASP A 81 7.74 13.88 20.00
N GLN A 82 8.40 13.27 20.99
CA GLN A 82 9.22 12.09 20.72
C GLN A 82 8.40 10.88 20.33
N GLU A 83 7.12 10.82 20.70
CA GLU A 83 6.29 9.66 20.45
C GLU A 83 5.82 9.55 19.01
N LEU A 84 5.95 10.62 18.22
CA LEU A 84 5.58 10.53 16.81
C LEU A 84 6.47 9.55 16.05
N LYS A 85 7.77 9.52 16.39
CA LYS A 85 8.67 8.54 15.79
C LYS A 85 8.24 7.12 16.13
N HIS A 86 7.82 6.89 17.37
CA HIS A 86 7.35 5.56 17.76
C HIS A 86 6.06 5.22 17.02
N LEU A 87 5.19 6.20 16.80
CA LEU A 87 3.98 5.95 16.01
C LEU A 87 4.32 5.56 14.58
N ILE A 88 5.29 6.26 13.97
CA ILE A 88 5.71 5.91 12.61
C ILE A 88 6.27 4.49 12.58
N LEU A 89 7.11 4.15 13.56
CA LEU A 89 7.69 2.81 13.58
C LEU A 89 6.64 1.73 13.83
N GLU A 90 5.59 2.06 14.59
CA GLU A 90 4.55 1.08 14.86
C GLU A 90 3.68 0.85 13.63
N ALA A 91 3.20 1.94 13.01
CA ALA A 91 2.28 1.79 11.89
C ALA A 91 3.00 1.42 10.61
N ALA A 92 4.01 2.20 10.21
CA ALA A 92 4.65 2.03 8.92
C ALA A 92 5.90 1.16 8.97
N ASP A 93 6.42 0.87 10.17
CA ASP A 93 7.67 0.12 10.31
C ASP A 93 8.81 0.81 9.57
N GLY A 94 8.92 2.12 9.77
CA GLY A 94 9.87 2.94 9.06
C GLY A 94 10.86 3.62 9.99
N PHE A 95 11.93 4.14 9.38
CA PHE A 95 12.96 4.87 10.09
C PHE A 95 13.32 6.12 9.31
N LEU A 96 13.68 7.17 10.05
CA LEU A 96 14.08 8.44 9.47
C LEU A 96 15.58 8.45 9.20
N PHE A 97 15.97 9.15 8.13
CA PHE A 97 17.36 9.36 7.81
C PHE A 97 17.50 10.63 6.98
N ILE A 98 18.53 11.41 7.29
CA ILE A 98 18.89 12.61 6.56
C ILE A 98 20.24 12.34 5.92
N VAL A 99 20.28 12.43 4.59
CA VAL A 99 21.42 12.02 3.78
C VAL A 99 21.91 13.20 2.95
N SER A 100 23.24 13.37 2.89
CA SER A 100 23.82 14.40 2.03
C SER A 100 23.45 14.15 0.57
N CYS A 101 22.93 15.20 -0.09
CA CYS A 101 22.42 15.03 -1.45
C CYS A 101 23.54 14.73 -2.44
N GLU A 102 24.72 15.31 -2.23
CA GLU A 102 25.81 15.13 -3.19
C GLU A 102 26.55 13.81 -2.95
N THR A 103 27.26 13.71 -1.83
CA THR A 103 28.10 12.54 -1.57
C THR A 103 27.30 11.29 -1.24
N GLY A 104 26.03 11.44 -0.88
CA GLY A 104 25.24 10.32 -0.40
C GLY A 104 25.51 9.92 1.03
N ARG A 105 26.56 10.46 1.65
CA ARG A 105 26.86 10.15 3.05
C ARG A 105 25.71 10.61 3.94
N VAL A 106 25.29 9.71 4.84
CA VAL A 106 24.23 10.07 5.76
C VAL A 106 24.74 11.12 6.75
N VAL A 107 23.90 12.09 7.07
CA VAL A 107 24.22 13.07 8.10
C VAL A 107 23.46 12.79 9.39
N TYR A 108 22.37 12.03 9.33
CA TYR A 108 21.71 11.53 10.52
C TYR A 108 20.92 10.29 10.17
N VAL A 109 20.81 9.37 11.13
CA VAL A 109 19.98 8.18 10.98
C VAL A 109 19.33 7.90 12.32
N SER A 110 18.00 7.74 12.31
CA SER A 110 17.28 7.40 13.52
C SER A 110 17.64 6.00 13.98
N ASP A 111 17.49 5.76 15.28
CA ASP A 111 17.75 4.42 15.83
C ASP A 111 16.82 3.38 15.25
N SER A 112 15.63 3.79 14.79
CA SER A 112 14.68 2.86 14.20
C SER A 112 15.23 2.10 13.01
N VAL A 113 16.42 2.45 12.52
CA VAL A 113 17.04 1.68 11.44
C VAL A 113 17.33 0.26 11.89
N THR A 114 17.54 0.06 13.19
CA THR A 114 17.86 -1.28 13.68
C THR A 114 16.60 -2.15 13.76
N PRO A 115 15.45 -1.64 14.26
CA PRO A 115 14.23 -2.44 14.13
C PRO A 115 13.85 -2.76 12.69
N VAL A 116 14.09 -1.84 11.76
CA VAL A 116 13.61 -2.02 10.39
C VAL A 116 14.52 -2.95 9.61
N LEU A 117 15.83 -2.73 9.64
CA LEU A 117 16.77 -3.47 8.80
C LEU A 117 17.75 -4.32 9.58
N ASN A 118 17.55 -4.51 10.90
CA ASN A 118 18.46 -5.29 11.72
C ASN A 118 19.91 -4.81 11.58
N GLN A 119 20.08 -3.51 11.34
CA GLN A 119 21.38 -2.92 11.08
C GLN A 119 21.72 -1.96 12.21
N PRO A 120 22.93 -2.03 12.77
CA PRO A 120 23.29 -1.10 13.85
C PRO A 120 23.36 0.33 13.36
N GLN A 121 23.13 1.25 14.30
CA GLN A 121 23.17 2.68 13.97
C GLN A 121 24.54 3.08 13.45
N SER A 122 25.60 2.44 13.93
CA SER A 122 26.94 2.75 13.45
C SER A 122 27.17 2.28 12.03
N GLU A 123 26.51 1.20 11.61
CA GLU A 123 26.65 0.72 10.25
C GLU A 123 26.12 1.73 9.24
N TRP A 124 25.11 2.51 9.63
CA TRP A 124 24.56 3.53 8.75
C TRP A 124 25.28 4.87 8.90
N PHE A 125 25.42 5.34 10.14
CA PHE A 125 26.09 6.61 10.37
C PHE A 125 27.57 6.50 10.00
N GLY A 126 28.00 7.34 9.06
CA GLY A 126 29.38 7.32 8.60
C GLY A 126 29.58 6.72 7.23
N SER A 127 28.52 6.41 6.49
CA SER A 127 28.63 5.81 5.17
C SER A 127 27.62 6.47 4.25
N THR A 128 27.69 6.10 2.98
CA THR A 128 26.78 6.62 1.96
C THR A 128 25.63 5.66 1.71
N LEU A 129 24.49 6.22 1.29
CA LEU A 129 23.35 5.39 0.96
C LEU A 129 23.64 4.46 -0.20
N TYR A 130 24.53 4.88 -1.11
CA TYR A 130 24.91 4.02 -2.23
C TYR A 130 25.50 2.70 -1.75
N ASP A 131 26.14 2.70 -0.58
CA ASP A 131 26.66 1.46 0.00
C ASP A 131 25.59 0.68 0.73
N GLN A 132 24.51 1.33 1.18
CA GLN A 132 23.44 0.68 1.93
C GLN A 132 22.27 0.29 1.04
N VAL A 133 22.46 0.22 -0.27
CA VAL A 133 21.40 -0.07 -1.22
C VAL A 133 21.89 -1.12 -2.21
N HIS A 134 20.94 -1.74 -2.90
CA HIS A 134 21.27 -2.70 -3.93
C HIS A 134 22.12 -2.02 -5.01
N PRO A 135 23.14 -2.71 -5.55
CA PRO A 135 23.94 -2.08 -6.61
C PRO A 135 23.11 -1.64 -7.80
N ASP A 136 22.23 -2.50 -8.31
CA ASP A 136 21.36 -2.18 -9.44
C ASP A 136 20.42 -1.02 -9.11
N ASP A 137 20.46 -0.54 -7.87
CA ASP A 137 19.62 0.56 -7.42
C ASP A 137 20.37 1.87 -7.23
N VAL A 138 21.67 1.93 -7.55
CA VAL A 138 22.40 3.16 -7.30
C VAL A 138 22.00 4.24 -8.30
N ASP A 139 21.79 3.86 -9.57
CA ASP A 139 21.45 4.84 -10.61
C ASP A 139 20.21 5.62 -10.23
N LYS A 140 19.11 4.91 -9.95
CA LYS A 140 17.89 5.56 -9.46
C LYS A 140 18.19 6.50 -8.30
N LEU A 141 19.03 6.06 -7.36
CA LEU A 141 19.39 6.90 -6.23
C LEU A 141 19.95 8.23 -6.68
N ARG A 142 20.88 8.18 -7.64
CA ARG A 142 21.45 9.42 -8.18
C ARG A 142 20.38 10.34 -8.74
N GLU A 143 19.38 9.75 -9.40
CA GLU A 143 18.29 10.56 -9.93
C GLU A 143 17.43 11.13 -8.81
N GLN A 144 17.31 10.41 -7.70
CA GLN A 144 16.50 10.90 -6.59
C GLN A 144 17.27 11.92 -5.76
N LEU A 145 18.58 11.73 -5.60
CA LEU A 145 19.42 12.65 -4.84
C LEU A 145 19.89 13.84 -5.67
N SER A 146 19.45 13.95 -6.93
CA SER A 146 19.89 15.02 -7.80
C SER A 146 19.17 16.31 -7.47
N THR A 147 19.83 17.43 -7.74
CA THR A 147 19.26 18.75 -7.51
C THR A 147 19.61 19.70 -8.66
N MET A 177 15.35 24.49 -2.36
CA MET A 177 14.52 23.51 -3.07
C MET A 177 13.86 22.55 -2.09
N GLY A 178 12.66 22.89 -1.65
CA GLY A 178 11.92 22.03 -0.75
C GLY A 178 11.10 20.98 -1.48
N SER A 179 11.61 20.53 -2.62
CA SER A 179 10.89 19.57 -3.44
C SER A 179 10.84 18.20 -2.76
N ARG A 180 9.74 17.49 -3.01
CA ARG A 180 9.52 16.20 -2.39
C ARG A 180 10.33 15.11 -3.10
N ARG A 181 10.30 13.91 -2.53
CA ARG A 181 11.00 12.74 -3.06
C ARG A 181 10.23 11.51 -2.62
N SER A 182 10.05 10.57 -3.56
CA SER A 182 9.32 9.33 -3.29
C SER A 182 9.86 8.25 -4.21
N PHE A 183 10.43 7.19 -3.64
CA PHE A 183 11.05 6.16 -4.46
C PHE A 183 11.19 4.87 -3.67
N ILE A 184 11.30 3.76 -4.39
CA ILE A 184 11.45 2.43 -3.82
C ILE A 184 12.86 1.94 -4.11
N CYS A 185 13.47 1.26 -3.14
CA CYS A 185 14.81 0.74 -3.37
C CYS A 185 15.07 -0.43 -2.44
N ARG A 186 16.01 -1.29 -2.85
CA ARG A 186 16.37 -2.49 -2.09
C ARG A 186 17.56 -2.15 -1.20
N MET A 187 17.34 -2.13 0.10
CA MET A 187 18.39 -1.83 1.07
C MET A 187 18.94 -3.10 1.70
N ARG A 188 20.19 -3.04 2.13
CA ARG A 188 20.81 -4.13 2.85
C ARG A 188 20.30 -4.19 4.28
N CYS A 189 20.09 -5.40 4.78
CA CYS A 189 19.63 -5.62 6.14
C CYS A 189 20.56 -6.60 6.84
N GLY A 190 20.45 -6.64 8.16
CA GLY A 190 21.30 -7.51 8.97
C GLY A 190 20.72 -8.88 9.24
N PRO A 221 24.25 -12.02 1.48
CA PRO A 221 23.63 -10.78 1.02
C PRO A 221 22.10 -10.89 0.96
N HIS A 222 21.41 -10.10 1.78
CA HIS A 222 19.96 -10.10 1.83
C HIS A 222 19.45 -8.68 1.66
N PHE A 223 18.60 -8.48 0.66
CA PHE A 223 18.06 -7.16 0.34
C PHE A 223 16.57 -7.12 0.64
N VAL A 224 16.10 -6.00 1.14
CA VAL A 224 14.69 -5.82 1.49
C VAL A 224 14.17 -4.56 0.79
N VAL A 225 12.92 -4.62 0.34
CA VAL A 225 12.30 -3.51 -0.37
C VAL A 225 11.90 -2.44 0.64
N VAL A 226 12.32 -1.20 0.40
CA VAL A 226 12.04 -0.08 1.28
C VAL A 226 11.42 1.05 0.47
N HIS A 227 10.30 1.56 0.98
CA HIS A 227 9.64 2.71 0.34
C HIS A 227 10.08 3.96 1.08
N CYS A 228 10.69 4.91 0.37
CA CYS A 228 11.24 6.11 0.96
C CYS A 228 10.43 7.31 0.49
N THR A 229 9.83 8.02 1.45
CA THR A 229 9.24 9.32 1.22
C THR A 229 10.08 10.37 1.93
N GLY A 230 10.06 11.60 1.43
CA GLY A 230 10.79 12.65 2.11
C GLY A 230 10.82 13.92 1.27
N TYR A 231 11.74 14.80 1.63
CA TYR A 231 11.87 16.08 0.93
C TYR A 231 13.29 16.60 1.07
N ILE A 232 13.63 17.54 0.19
CA ILE A 232 14.97 18.10 0.13
C ILE A 232 15.02 19.33 1.02
N LYS A 233 15.86 19.28 2.06
CA LYS A 233 16.08 20.38 2.97
C LYS A 233 17.57 20.71 2.94
N ALA A 234 17.91 21.96 2.64
CA ALA A 234 19.30 22.36 2.58
C ALA A 234 19.93 22.35 3.97
N TRP A 235 21.04 21.65 4.10
CA TRP A 235 21.74 21.54 5.37
C TRP A 235 23.16 21.02 5.17
N PHE A 255 22.80 21.11 0.72
CA PHE A 255 21.60 20.37 0.33
C PHE A 255 21.58 18.97 0.91
N CYS A 256 20.47 18.61 1.55
CA CYS A 256 20.28 17.28 2.12
C CYS A 256 18.89 16.78 1.75
N LEU A 257 18.69 15.48 1.91
CA LEU A 257 17.39 14.86 1.75
C LEU A 257 17.01 14.23 3.08
N VAL A 258 15.93 14.71 3.68
CA VAL A 258 15.39 14.14 4.92
C VAL A 258 14.19 13.28 4.54
N ALA A 259 14.24 12.00 4.91
CA ALA A 259 13.29 11.04 4.39
C ALA A 259 13.09 9.90 5.36
N ILE A 260 11.86 9.42 5.45
CA ILE A 260 11.53 8.20 6.17
C ILE A 260 11.39 7.07 5.15
N GLY A 261 12.09 5.97 5.42
CA GLY A 261 12.00 4.76 4.61
C GLY A 261 11.43 3.62 5.45
N ARG A 262 10.44 2.94 4.88
CA ARG A 262 9.66 1.96 5.63
C ARG A 262 9.60 0.64 4.87
N LEU A 263 9.39 -0.43 5.63
CA LEU A 263 9.13 -1.75 5.08
C LEU A 263 7.63 -1.95 4.89
N GLN A 264 7.27 -2.71 3.87
CA GLN A 264 5.86 -2.99 3.60
C GLN A 264 5.66 -4.44 3.16
N ASN A 270 4.50 -14.82 -3.85
CA ASN A 270 5.39 -15.97 -3.70
C ASN A 270 6.44 -16.01 -4.82
N CYS A 271 7.57 -16.67 -4.55
CA CYS A 271 8.65 -16.82 -5.52
C CYS A 271 9.06 -18.27 -5.78
N THR A 272 8.07 -19.18 -5.71
CA THR A 272 8.31 -20.61 -5.58
C THR A 272 9.08 -21.17 -6.77
N ASP A 273 8.83 -20.63 -7.98
CA ASP A 273 9.46 -21.17 -9.17
C ASP A 273 10.99 -21.09 -9.09
N MET A 274 11.51 -19.96 -8.61
CA MET A 274 12.94 -19.80 -8.44
C MET A 274 13.31 -19.81 -6.96
N PRO A 280 9.82 -30.04 -5.16
CA PRO A 280 8.88 -29.50 -6.16
C PRO A 280 7.88 -30.55 -6.62
N THR A 281 6.69 -30.55 -6.02
CA THR A 281 5.69 -31.56 -6.30
C THR A 281 4.68 -31.15 -7.36
N GLU A 282 4.72 -29.91 -7.82
CA GLU A 282 3.72 -29.42 -8.77
C GLU A 282 4.26 -28.18 -9.48
N PHE A 283 3.49 -27.71 -10.45
CA PHE A 283 3.78 -26.46 -11.15
C PHE A 283 2.48 -25.94 -11.77
N ILE A 284 2.32 -24.62 -11.77
CA ILE A 284 1.10 -24.01 -12.27
C ILE A 284 1.33 -23.54 -13.70
N SER A 285 0.26 -23.50 -14.47
CA SER A 285 0.33 -23.12 -15.88
C SER A 285 -0.94 -22.38 -16.25
N ARG A 286 -0.85 -21.64 -17.36
CA ARG A 286 -1.98 -20.92 -17.92
C ARG A 286 -2.23 -21.43 -19.33
N HIS A 287 -3.50 -21.57 -19.69
CA HIS A 287 -3.89 -22.13 -20.97
C HIS A 287 -4.96 -21.26 -21.60
N ASN A 288 -5.04 -21.31 -22.93
CA ASN A 288 -6.22 -20.80 -23.61
C ASN A 288 -7.33 -21.83 -23.48
N ILE A 289 -8.42 -21.64 -24.23
CA ILE A 289 -9.54 -22.56 -24.06
C ILE A 289 -9.21 -23.90 -24.70
N GLU A 290 -8.30 -23.90 -25.67
CA GLU A 290 -7.95 -25.16 -26.36
C GLU A 290 -7.08 -25.99 -25.43
N GLY A 291 -6.16 -25.33 -24.73
CA GLY A 291 -5.23 -26.06 -23.84
C GLY A 291 -3.81 -25.67 -24.13
N ILE A 292 -3.63 -24.75 -25.07
CA ILE A 292 -2.27 -24.35 -25.44
C ILE A 292 -1.61 -23.69 -24.24
N PHE A 293 -0.41 -24.17 -23.91
CA PHE A 293 0.36 -23.62 -22.79
C PHE A 293 0.52 -22.19 -23.28
N THR A 294 0.13 -21.23 -22.45
CA THR A 294 0.35 -19.83 -22.77
C THR A 294 1.25 -19.32 -21.65
N PHE A 295 1.42 -20.10 -20.58
CA PHE A 295 2.31 -19.73 -19.49
C PHE A 295 2.61 -20.96 -18.67
N VAL A 296 3.88 -21.10 -18.27
CA VAL A 296 4.31 -22.17 -17.37
C VAL A 296 5.40 -21.62 -16.47
N ASP A 297 5.32 -21.93 -15.17
CA ASP A 297 6.36 -21.52 -14.25
C ASP A 297 7.48 -22.56 -14.25
N HIS A 298 8.63 -22.15 -13.71
CA HIS A 298 9.87 -22.92 -13.87
C HIS A 298 9.81 -24.31 -13.25
N ARG A 299 8.96 -24.52 -12.25
CA ARG A 299 8.89 -25.81 -11.57
C ARG A 299 8.64 -26.97 -12.54
N CYS A 300 8.06 -26.69 -13.71
CA CYS A 300 7.86 -27.72 -14.71
C CYS A 300 9.15 -28.48 -15.00
N VAL A 301 10.27 -27.76 -15.12
CA VAL A 301 11.54 -28.39 -15.46
C VAL A 301 11.94 -29.45 -14.45
N ALA A 302 11.41 -29.38 -13.23
CA ALA A 302 11.70 -30.39 -12.22
C ALA A 302 10.64 -31.48 -12.17
N THR A 303 9.39 -31.15 -12.52
CA THR A 303 8.31 -32.12 -12.41
C THR A 303 8.24 -33.00 -13.65
N VAL A 304 7.89 -32.41 -14.79
CA VAL A 304 7.80 -33.17 -16.03
C VAL A 304 9.13 -33.22 -16.77
N GLY A 305 10.14 -32.48 -16.32
CA GLY A 305 11.45 -32.51 -16.94
C GLY A 305 11.60 -31.69 -18.20
N TYR A 306 10.57 -30.98 -18.63
CA TYR A 306 10.62 -30.20 -19.85
C TYR A 306 11.10 -28.78 -19.58
N GLN A 307 11.83 -28.23 -20.55
CA GLN A 307 12.06 -26.80 -20.56
C GLN A 307 10.75 -26.08 -20.87
N PRO A 308 10.56 -24.87 -20.33
CA PRO A 308 9.28 -24.17 -20.58
C PRO A 308 8.98 -23.95 -22.04
N GLN A 309 10.01 -23.78 -22.87
CA GLN A 309 9.80 -23.60 -24.31
C GLN A 309 9.19 -24.83 -24.94
N GLU A 310 9.45 -26.02 -24.37
CA GLU A 310 8.94 -27.25 -24.95
C GLU A 310 7.45 -27.43 -24.68
N LEU A 311 6.97 -26.92 -23.55
CA LEU A 311 5.54 -27.00 -23.24
C LEU A 311 4.76 -25.84 -23.83
N LEU A 312 5.33 -24.63 -23.79
CA LEU A 312 4.66 -23.45 -24.34
C LEU A 312 4.37 -23.65 -25.82
N GLY A 313 3.26 -23.04 -26.27
CA GLY A 313 2.85 -23.13 -27.65
C GLY A 313 2.16 -24.42 -28.04
N LYS A 314 2.25 -25.46 -27.20
CA LYS A 314 1.65 -26.75 -27.49
C LYS A 314 0.44 -26.97 -26.57
N ASN A 315 -0.50 -27.76 -27.05
CA ASN A 315 -1.67 -28.10 -26.25
C ASN A 315 -1.31 -29.15 -25.20
N ILE A 316 -2.02 -29.12 -24.08
CA ILE A 316 -1.75 -30.07 -23.01
C ILE A 316 -2.12 -31.48 -23.44
N VAL A 317 -3.05 -31.61 -24.38
CA VAL A 317 -3.50 -32.97 -24.78
C VAL A 317 -2.34 -33.67 -25.50
N GLU A 318 -1.45 -32.91 -26.13
CA GLU A 318 -0.30 -33.50 -26.85
C GLU A 318 0.57 -34.28 -25.86
N PHE A 319 0.52 -33.93 -24.58
CA PHE A 319 1.34 -34.59 -23.58
C PHE A 319 0.58 -35.66 -22.81
N CYS A 320 -0.61 -36.02 -23.26
CA CYS A 320 -1.48 -36.95 -22.55
C CYS A 320 -1.45 -38.32 -23.22
N HIS A 321 -1.48 -39.37 -22.41
CA HIS A 321 -1.65 -40.72 -22.94
C HIS A 321 -2.99 -40.80 -23.67
N PRO A 322 -3.03 -41.30 -24.90
CA PRO A 322 -4.29 -41.30 -25.65
C PRO A 322 -5.48 -41.84 -24.89
N GLU A 323 -5.28 -42.93 -24.13
CA GLU A 323 -6.36 -43.52 -23.33
C GLU A 323 -7.00 -42.51 -22.38
N ASP A 324 -6.32 -41.41 -22.09
CA ASP A 324 -6.85 -40.38 -21.21
C ASP A 324 -7.24 -39.10 -21.93
N GLN A 325 -6.78 -38.90 -23.17
CA GLN A 325 -6.93 -37.62 -23.86
C GLN A 325 -8.37 -37.12 -23.80
N GLN A 326 -9.31 -37.95 -24.27
CA GLN A 326 -10.72 -37.59 -24.23
C GLN A 326 -11.12 -37.03 -22.87
N LEU A 327 -10.85 -37.79 -21.80
CA LEU A 327 -11.17 -37.32 -20.46
C LEU A 327 -10.63 -35.91 -20.23
N LEU A 328 -9.33 -35.72 -20.49
CA LEU A 328 -8.73 -34.40 -20.35
C LEU A 328 -9.54 -33.36 -21.11
N ARG A 329 -9.80 -33.61 -22.39
CA ARG A 329 -10.56 -32.65 -23.19
C ARG A 329 -11.91 -32.36 -22.54
N ASP A 330 -12.58 -33.39 -22.01
CA ASP A 330 -13.85 -33.18 -21.35
C ASP A 330 -13.71 -32.14 -20.24
N SER A 331 -12.68 -32.28 -19.41
CA SER A 331 -12.47 -31.31 -18.34
C SER A 331 -12.29 -29.91 -18.90
N PHE A 332 -11.55 -29.78 -20.01
CA PHE A 332 -11.33 -28.46 -20.57
C PHE A 332 -12.61 -27.88 -21.15
N GLN A 333 -13.56 -28.74 -21.50
CA GLN A 333 -14.87 -28.26 -21.92
C GLN A 333 -15.76 -27.93 -20.73
N GLN A 334 -15.47 -28.49 -19.55
CA GLN A 334 -16.29 -28.26 -18.37
C GLN A 334 -15.85 -27.00 -17.61
N VAL A 335 -14.54 -26.82 -17.43
CA VAL A 335 -14.05 -25.65 -16.71
C VAL A 335 -14.49 -24.37 -17.40
N VAL A 336 -14.64 -24.39 -18.71
CA VAL A 336 -15.19 -23.25 -19.43
C VAL A 336 -16.71 -23.21 -19.28
N LYS A 337 -17.35 -24.37 -19.39
CA LYS A 337 -18.80 -24.45 -19.21
C LYS A 337 -19.20 -24.19 -17.76
N LEU A 338 -18.32 -24.51 -16.81
CA LEU A 338 -18.54 -24.22 -15.39
C LEU A 338 -17.46 -23.18 -15.13
N LYS A 339 -17.87 -21.91 -15.24
CA LYS A 339 -16.91 -20.81 -15.19
C LYS A 339 -16.70 -20.53 -13.70
N GLY A 340 -15.43 -20.35 -13.33
CA GLY A 340 -15.03 -20.08 -11.95
C GLY A 340 -14.95 -21.24 -10.99
N GLN A 341 -15.41 -22.42 -11.41
CA GLN A 341 -15.42 -23.58 -10.54
C GLN A 341 -14.11 -24.29 -10.86
N VAL A 342 -13.56 -24.96 -9.85
CA VAL A 342 -12.30 -25.67 -9.96
C VAL A 342 -12.59 -27.15 -10.16
N LEU A 343 -12.21 -27.69 -11.30
CA LEU A 343 -12.29 -29.12 -11.56
C LEU A 343 -10.92 -29.75 -11.41
N SER A 344 -10.90 -31.09 -11.29
CA SER A 344 -9.67 -31.83 -11.10
C SER A 344 -9.76 -33.14 -11.84
N VAL A 345 -8.82 -33.38 -12.76
CA VAL A 345 -8.75 -34.64 -13.49
C VAL A 345 -7.31 -35.13 -13.50
N MET A 346 -7.13 -36.44 -13.53
CA MET A 346 -5.81 -37.04 -13.57
C MET A 346 -5.56 -37.71 -14.91
N PHE A 347 -4.29 -37.73 -15.31
CA PHE A 347 -3.90 -38.29 -16.59
C PHE A 347 -2.42 -38.60 -16.57
N ARG A 348 -1.97 -39.36 -17.57
CA ARG A 348 -0.57 -39.79 -17.67
C ARG A 348 0.17 -38.80 -18.55
N PHE A 349 0.83 -37.83 -17.92
CA PHE A 349 1.63 -36.85 -18.65
C PHE A 349 2.87 -37.50 -19.25
N ARG A 350 3.15 -37.14 -20.51
CA ARG A 350 4.36 -37.57 -21.19
C ARG A 350 5.51 -36.67 -20.75
N SER A 351 6.49 -37.23 -20.05
CA SER A 351 7.59 -36.44 -19.53
C SER A 351 8.71 -36.33 -20.56
N LYS A 352 9.69 -35.47 -20.24
CA LYS A 352 10.86 -35.33 -21.12
C LYS A 352 11.61 -36.64 -21.25
N THR A 353 11.67 -37.43 -20.18
CA THR A 353 12.25 -38.76 -20.22
C THR A 353 11.33 -39.78 -20.88
N ARG A 354 10.24 -39.32 -21.49
CA ARG A 354 9.27 -40.17 -22.19
C ARG A 354 8.63 -41.19 -21.25
N GLU A 355 8.48 -40.82 -19.98
CA GLU A 355 7.73 -41.64 -19.04
C GLU A 355 6.27 -41.22 -19.01
N TRP A 356 5.42 -42.13 -18.55
CA TRP A 356 4.00 -41.85 -18.35
C TRP A 356 3.81 -41.55 -16.87
N LEU A 357 4.04 -40.29 -16.51
CA LEU A 357 3.96 -39.87 -15.11
C LEU A 357 2.53 -39.48 -14.78
N TRP A 358 1.92 -40.17 -13.83
CA TRP A 358 0.56 -39.83 -13.41
C TRP A 358 0.55 -38.44 -12.80
N MET A 359 -0.49 -37.67 -13.09
CA MET A 359 -0.54 -36.27 -12.70
C MET A 359 -1.98 -35.84 -12.49
N ARG A 360 -2.22 -35.11 -11.40
CA ARG A 360 -3.53 -34.56 -11.08
C ARG A 360 -3.53 -33.07 -11.40
N THR A 361 -4.21 -32.70 -12.48
CA THR A 361 -4.37 -31.30 -12.85
C THR A 361 -5.66 -30.77 -12.25
N SER A 362 -5.55 -29.77 -11.39
CA SER A 362 -6.66 -29.03 -10.83
C SER A 362 -6.69 -27.67 -11.50
N SER A 363 -7.72 -27.40 -12.29
CA SER A 363 -7.79 -26.22 -13.13
C SER A 363 -9.10 -25.48 -12.90
N PHE A 364 -9.09 -24.19 -13.26
CA PHE A 364 -10.28 -23.36 -13.19
C PHE A 364 -10.14 -22.23 -14.21
N THR A 365 -11.27 -21.61 -14.52
CA THR A 365 -11.30 -20.47 -15.44
C THR A 365 -11.11 -19.17 -14.66
N PHE A 366 -10.16 -18.35 -15.10
CA PHE A 366 -9.96 -17.03 -14.52
C PHE A 366 -10.76 -16.01 -15.31
N GLN A 367 -11.38 -15.07 -14.58
CA GLN A 367 -12.24 -14.06 -15.19
C GLN A 367 -11.72 -12.66 -14.85
N ASN A 368 -11.75 -11.79 -15.85
CA ASN A 368 -11.35 -10.40 -15.66
C ASN A 368 -12.34 -9.71 -14.73
N PRO A 369 -11.90 -9.20 -13.58
CA PRO A 369 -12.87 -8.65 -12.60
C PRO A 369 -13.75 -7.55 -13.15
N TYR A 370 -13.33 -6.84 -14.20
CA TYR A 370 -14.19 -5.79 -14.77
C TYR A 370 -15.26 -6.24 -15.75
N SER A 371 -14.84 -6.86 -16.85
CA SER A 371 -15.77 -7.31 -17.89
C SER A 371 -16.13 -8.78 -17.78
N ASP A 372 -15.75 -9.45 -16.69
CA ASP A 372 -15.94 -10.89 -16.54
C ASP A 372 -15.33 -11.67 -17.69
N GLU A 373 -14.38 -11.06 -18.40
CA GLU A 373 -13.82 -11.66 -19.61
C GLU A 373 -12.96 -12.86 -19.24
N ILE A 374 -13.32 -14.02 -19.78
CA ILE A 374 -12.58 -15.25 -19.55
C ILE A 374 -11.20 -14.89 -20.05
N GLU A 375 -10.19 -15.03 -19.18
CA GLU A 375 -8.84 -14.58 -19.49
C GLU A 375 -7.96 -15.78 -19.86
N TYR A 376 -7.94 -16.79 -19.00
CA TYR A 376 -7.27 -18.04 -19.29
C TYR A 376 -7.69 -19.08 -18.26
N ILE A 377 -7.40 -20.34 -18.59
CA ILE A 377 -7.62 -21.46 -17.67
C ILE A 377 -6.35 -21.63 -16.85
N ILE A 378 -6.48 -21.54 -15.53
CA ILE A 378 -5.34 -21.62 -14.62
C ILE A 378 -5.28 -23.04 -14.07
N CYS A 379 -4.32 -23.82 -14.55
CA CYS A 379 -4.16 -25.20 -14.12
C CYS A 379 -3.02 -25.31 -13.11
N THR A 380 -3.11 -26.30 -12.23
CA THR A 380 -2.05 -26.62 -11.27
C THR A 380 -1.72 -28.10 -11.44
N ASN A 381 -0.72 -28.39 -12.26
CA ASN A 381 -0.36 -29.76 -12.59
C ASN A 381 0.55 -30.31 -11.50
N THR A 382 0.07 -31.35 -10.80
CA THR A 382 0.74 -31.90 -9.63
C THR A 382 1.10 -33.36 -9.89
N ASN A 383 2.38 -33.68 -9.74
CA ASN A 383 2.81 -35.08 -9.83
C ASN A 383 2.22 -35.88 -8.69
N VAL A 384 1.64 -37.03 -9.02
CA VAL A 384 0.94 -37.83 -8.03
C VAL A 384 1.48 -39.26 -8.05
N ARG B 23 -23.24 33.84 38.29
CA ARG B 23 -23.13 34.66 37.09
C ARG B 23 -21.68 34.82 36.66
N CYS B 24 -20.82 35.11 37.64
CA CYS B 24 -19.39 35.24 37.36
C CYS B 24 -18.76 33.89 37.02
N ARG B 25 -19.39 32.78 37.44
CA ARG B 25 -18.88 31.45 37.10
C ARG B 25 -18.74 31.26 35.60
N ARG B 26 -19.59 31.91 34.80
CA ARG B 26 -19.47 31.82 33.36
C ARG B 26 -18.14 32.38 32.87
N SER B 27 -17.74 33.54 33.40
CA SER B 27 -16.44 34.10 33.04
C SER B 27 -15.30 33.24 33.57
N LYS B 28 -15.50 32.56 34.70
CA LYS B 28 -14.52 31.61 35.19
C LYS B 28 -14.53 30.34 34.34
N GLU B 29 -15.72 29.91 33.91
CA GLU B 29 -15.82 28.73 33.06
C GLU B 29 -15.19 28.97 31.69
N THR B 30 -15.43 30.15 31.10
CA THR B 30 -14.81 30.46 29.82
C THR B 30 -13.30 30.54 29.95
N GLU B 31 -12.79 31.13 31.04
CA GLU B 31 -11.35 31.25 31.18
C GLU B 31 -10.68 29.90 31.44
N VAL B 32 -11.36 28.99 32.16
CA VAL B 32 -10.75 27.67 32.33
C VAL B 32 -10.83 26.87 31.05
N PHE B 33 -11.90 27.01 30.26
CA PHE B 33 -11.94 26.38 28.95
C PHE B 33 -10.82 26.91 28.06
N TYR B 34 -10.56 28.22 28.12
CA TYR B 34 -9.48 28.83 27.37
C TYR B 34 -8.13 28.26 27.81
N GLU B 35 -7.94 28.12 29.13
CA GLU B 35 -6.70 27.55 29.65
C GLU B 35 -6.52 26.09 29.20
N LEU B 36 -7.62 25.33 29.16
CA LEU B 36 -7.55 23.95 28.72
C LEU B 36 -7.19 23.86 27.25
N ALA B 37 -7.82 24.71 26.43
CA ALA B 37 -7.49 24.74 25.02
C ALA B 37 -6.01 25.09 24.80
N HIS B 38 -5.50 26.05 25.58
CA HIS B 38 -4.09 26.43 25.43
C HIS B 38 -3.15 25.35 25.91
N GLU B 39 -3.53 24.59 26.94
CA GLU B 39 -2.65 23.56 27.46
C GLU B 39 -2.60 22.32 26.58
N LEU B 40 -3.52 22.18 25.63
CA LEU B 40 -3.40 21.12 24.64
C LEU B 40 -2.23 21.42 23.70
N PRO B 41 -1.44 20.42 23.33
CA PRO B 41 -0.32 20.68 22.41
C PRO B 41 -0.79 21.04 21.03
N LEU B 42 -1.03 22.32 20.81
CA LEU B 42 -1.62 22.84 19.58
C LEU B 42 -1.12 24.25 19.36
N PRO B 43 -1.26 24.79 18.14
CA PRO B 43 -0.97 26.21 17.95
C PRO B 43 -1.95 27.07 18.72
N HIS B 44 -1.45 28.19 19.25
CA HIS B 44 -2.23 29.00 20.18
C HIS B 44 -3.47 29.58 19.53
N SER B 45 -3.45 29.78 18.21
CA SER B 45 -4.59 30.40 17.53
C SER B 45 -5.79 29.46 17.49
N VAL B 46 -5.63 28.30 16.83
CA VAL B 46 -6.73 27.37 16.67
C VAL B 46 -7.21 26.83 18.02
N SER B 47 -6.29 26.70 18.98
CA SER B 47 -6.70 26.28 20.32
C SER B 47 -7.49 27.39 21.01
N SER B 48 -7.00 28.63 20.95
CA SER B 48 -7.68 29.73 21.60
C SER B 48 -9.09 29.92 21.05
N HIS B 49 -9.27 29.77 19.74
CA HIS B 49 -10.57 29.97 19.11
C HIS B 49 -11.16 28.59 18.79
N LEU B 50 -11.91 28.04 19.74
CA LEU B 50 -12.42 26.69 19.59
C LEU B 50 -13.72 26.56 20.37
N ASP B 51 -14.37 25.41 20.21
CA ASP B 51 -15.63 25.11 20.86
C ASP B 51 -15.38 24.36 22.16
N LYS B 52 -16.32 24.49 23.10
CA LYS B 52 -16.18 23.84 24.40
C LYS B 52 -16.25 22.33 24.26
N ALA B 53 -17.27 21.82 23.56
CA ALA B 53 -17.34 20.39 23.29
C ALA B 53 -16.14 19.92 22.49
N SER B 54 -15.63 20.76 21.59
CA SER B 54 -14.41 20.40 20.85
C SER B 54 -13.21 20.33 21.76
N ILE B 55 -13.11 21.23 22.75
CA ILE B 55 -12.02 21.16 23.71
C ILE B 55 -12.12 19.89 24.53
N MET B 56 -13.33 19.52 24.96
CA MET B 56 -13.54 18.26 25.66
C MET B 56 -13.07 17.08 24.82
N ARG B 57 -13.55 17.01 23.57
CA ARG B 57 -13.15 15.96 22.64
C ARG B 57 -11.64 15.87 22.51
N LEU B 58 -10.99 17.01 22.30
CA LEU B 58 -9.56 17.02 22.04
C LEU B 58 -8.77 16.60 23.27
N ALA B 59 -9.17 17.05 24.45
CA ALA B 59 -8.47 16.63 25.67
C ALA B 59 -8.62 15.13 25.90
N ILE B 60 -9.85 14.62 25.78
CA ILE B 60 -10.09 13.19 25.99
C ILE B 60 -9.28 12.38 25.00
N SER B 61 -9.34 12.74 23.72
CA SER B 61 -8.61 12.00 22.69
C SER B 61 -7.11 12.09 22.91
N PHE B 62 -6.62 13.26 23.30
CA PHE B 62 -5.18 13.44 23.48
C PHE B 62 -4.66 12.55 24.60
N LEU B 63 -5.35 12.53 25.74
CA LEU B 63 -4.79 11.72 26.82
C LEU B 63 -5.10 10.24 26.67
N ARG B 64 -6.16 9.87 25.94
CA ARG B 64 -6.36 8.47 25.60
C ARG B 64 -5.27 7.99 24.64
N THR B 65 -4.92 8.82 23.66
CA THR B 65 -3.78 8.52 22.81
C THR B 65 -2.49 8.46 23.61
N HIS B 66 -2.38 9.28 24.66
CA HIS B 66 -1.21 9.20 25.53
C HIS B 66 -1.18 7.86 26.27
N LYS B 67 -2.33 7.36 26.71
CA LYS B 67 -2.39 6.03 27.30
C LYS B 67 -1.89 4.97 26.32
N LEU B 68 -2.43 5.00 25.09
CA LEU B 68 -1.97 4.04 24.07
C LEU B 68 -0.47 4.20 23.81
N LEU B 69 0.02 5.43 23.80
CA LEU B 69 1.43 5.67 23.47
C LEU B 69 2.35 5.21 24.59
N SER B 70 1.91 5.35 25.84
CA SER B 70 2.66 4.76 26.95
C SER B 70 2.66 3.24 26.85
N SER B 71 1.54 2.65 26.40
CA SER B 71 1.52 1.21 26.17
C SER B 71 2.48 0.80 25.05
N VAL B 72 2.63 1.65 24.04
CA VAL B 72 3.48 1.32 22.89
C VAL B 72 4.96 1.47 23.25
N CYS B 73 5.33 2.63 23.80
CA CYS B 73 6.74 2.94 24.02
C CYS B 73 7.36 2.11 25.14
N SER B 74 6.56 1.57 26.04
CA SER B 74 7.08 0.78 27.16
C SER B 74 7.68 -0.54 26.67
N MET B 86 12.03 17.51 16.60
CA MET B 86 12.23 16.76 15.36
C MET B 86 10.89 16.37 14.73
N ASP B 87 9.85 17.14 15.07
CA ASP B 87 8.51 16.83 14.59
C ASP B 87 8.32 17.21 13.14
N ASN B 88 8.83 18.38 12.72
CA ASN B 88 8.67 18.80 11.34
C ASN B 88 9.37 17.85 10.38
N LEU B 89 10.48 17.25 10.80
CA LEU B 89 11.20 16.31 9.94
C LEU B 89 10.36 15.07 9.66
N TYR B 90 9.84 14.43 10.72
CA TYR B 90 9.01 13.25 10.54
C TYR B 90 7.70 13.56 9.84
N LEU B 91 7.13 14.75 10.11
CA LEU B 91 5.81 15.07 9.59
C LEU B 91 5.85 15.46 8.12
N LYS B 92 6.83 16.27 7.72
CA LYS B 92 6.92 16.70 6.34
C LYS B 92 7.51 15.63 5.43
N ALA B 93 8.39 14.77 5.96
CA ALA B 93 8.92 13.64 5.20
C ALA B 93 7.93 12.48 5.32
N LEU B 94 6.72 12.70 4.82
CA LEU B 94 5.67 11.69 4.88
C LEU B 94 4.69 11.97 3.76
N GLU B 95 4.47 10.99 2.88
CA GLU B 95 3.42 11.09 1.87
C GLU B 95 2.07 10.64 2.39
N GLY B 96 1.82 10.82 3.70
CA GLY B 96 0.56 10.43 4.31
C GLY B 96 0.51 10.94 5.72
N PHE B 97 -0.61 10.63 6.38
CA PHE B 97 -0.85 11.05 7.75
C PHE B 97 -1.06 9.85 8.66
N ILE B 98 -0.69 10.01 9.93
CA ILE B 98 -0.81 8.93 10.91
C ILE B 98 -2.15 9.06 11.62
N ALA B 99 -2.86 7.95 11.74
CA ALA B 99 -4.16 7.94 12.40
C ALA B 99 -4.26 6.72 13.30
N VAL B 100 -4.53 6.94 14.58
CA VAL B 100 -4.91 5.86 15.47
C VAL B 100 -6.40 5.99 15.76
N VAL B 101 -7.12 4.94 15.39
CA VAL B 101 -8.56 4.80 15.58
C VAL B 101 -8.78 3.73 16.64
N THR B 102 -9.94 3.78 17.29
CA THR B 102 -10.26 2.79 18.31
C THR B 102 -11.10 1.66 17.71
N GLN B 103 -11.40 0.66 18.54
CA GLN B 103 -12.20 -0.47 18.08
C GLN B 103 -13.62 -0.06 17.76
N ASP B 104 -14.14 0.97 18.43
CA ASP B 104 -15.47 1.48 18.11
C ASP B 104 -15.47 2.38 16.88
N GLY B 105 -14.31 2.76 16.38
CA GLY B 105 -14.21 3.63 15.23
C GLY B 105 -13.84 5.06 15.54
N ASP B 106 -13.52 5.38 16.79
CA ASP B 106 -13.16 6.74 17.17
C ASP B 106 -11.72 7.03 16.77
N MET B 107 -11.53 8.13 16.03
CA MET B 107 -10.20 8.53 15.57
C MET B 107 -9.53 9.33 16.67
N ILE B 108 -9.01 8.61 17.67
CA ILE B 108 -8.47 9.27 18.85
C ILE B 108 -7.24 10.10 18.54
N PHE B 109 -6.57 9.85 17.41
CA PHE B 109 -5.51 10.78 17.04
C PHE B 109 -5.25 10.76 15.55
N LEU B 110 -4.98 11.94 14.99
CA LEU B 110 -4.56 12.11 13.61
C LEU B 110 -3.40 13.08 13.60
N SER B 111 -2.33 12.73 12.88
CA SER B 111 -1.15 13.60 12.81
C SER B 111 -1.54 14.97 12.23
N GLU B 112 -0.73 15.97 12.58
CA GLU B 112 -1.08 17.35 12.26
C GLU B 112 -1.18 17.58 10.76
N ASN B 113 -0.38 16.87 9.96
CA ASN B 113 -0.31 17.12 8.53
C ASN B 113 -1.50 16.55 7.75
N ILE B 114 -2.49 15.96 8.43
CA ILE B 114 -3.61 15.33 7.74
C ILE B 114 -4.27 16.31 6.77
N SER B 115 -4.45 17.56 7.21
CA SER B 115 -5.05 18.58 6.35
C SER B 115 -4.33 18.65 5.01
N LYS B 116 -2.99 18.72 5.04
CA LYS B 116 -2.16 18.80 3.85
C LYS B 116 -2.61 17.81 2.77
N PHE B 117 -3.11 16.65 3.20
CA PHE B 117 -3.60 15.64 2.27
C PHE B 117 -5.11 15.61 2.17
N MET B 118 -5.82 15.87 3.27
CA MET B 118 -7.26 15.65 3.30
C MET B 118 -8.08 16.93 3.40
N GLY B 119 -7.45 18.09 3.51
CA GLY B 119 -8.21 19.33 3.70
C GLY B 119 -8.82 19.50 5.08
N LEU B 120 -9.55 18.50 5.55
CA LEU B 120 -10.07 18.53 6.92
C LEU B 120 -8.92 18.62 7.92
N THR B 121 -9.00 19.58 8.83
CA THR B 121 -7.92 19.81 9.76
C THR B 121 -7.94 18.78 10.89
N GLN B 122 -6.85 18.74 11.65
CA GLN B 122 -6.76 17.82 12.78
C GLN B 122 -7.87 18.06 13.79
N VAL B 123 -8.22 19.32 14.02
CA VAL B 123 -9.25 19.64 15.01
C VAL B 123 -10.63 19.19 14.54
N GLU B 124 -10.89 19.26 13.24
CA GLU B 124 -12.22 18.94 12.71
C GLU B 124 -12.56 17.46 12.82
N LEU B 125 -11.56 16.58 12.87
CA LEU B 125 -11.82 15.14 12.81
C LEU B 125 -11.45 14.39 14.08
N THR B 126 -10.52 14.90 14.88
CA THR B 126 -10.08 14.18 16.07
C THR B 126 -11.24 14.01 17.05
N GLY B 127 -11.47 12.77 17.47
CA GLY B 127 -12.54 12.44 18.37
C GLY B 127 -13.80 11.90 17.70
N HIS B 128 -13.95 12.15 16.40
CA HIS B 128 -15.12 11.69 15.67
C HIS B 128 -14.89 10.29 15.12
N SER B 129 -15.98 9.69 14.65
CA SER B 129 -15.92 8.33 14.14
C SER B 129 -15.30 8.30 12.75
N ILE B 130 -14.52 7.26 12.48
CA ILE B 130 -13.99 7.07 11.14
C ILE B 130 -15.12 6.84 10.15
N PHE B 131 -16.22 6.26 10.60
CA PHE B 131 -17.35 5.97 9.72
C PHE B 131 -18.08 7.23 9.29
N ASP B 132 -18.01 8.30 10.09
CA ASP B 132 -18.65 9.56 9.74
C ASP B 132 -17.89 10.35 8.69
N PHE B 133 -16.68 9.93 8.34
CA PHE B 133 -15.87 10.65 7.36
C PHE B 133 -15.28 9.74 6.29
N THR B 134 -15.73 8.50 6.21
CA THR B 134 -15.27 7.57 5.19
C THR B 134 -16.45 7.13 4.32
N HIS B 135 -16.12 6.54 3.18
CA HIS B 135 -17.15 6.04 2.28
C HIS B 135 -17.90 4.89 2.94
N PRO B 136 -19.23 4.91 2.94
CA PRO B 136 -19.98 3.81 3.57
C PRO B 136 -19.70 2.45 2.93
N CYS B 137 -19.47 2.41 1.62
CA CYS B 137 -19.18 1.15 0.94
C CYS B 137 -17.90 0.49 1.43
N ASP B 138 -17.06 1.21 2.17
CA ASP B 138 -15.85 0.65 2.76
C ASP B 138 -15.99 0.37 4.25
N HIS B 139 -17.09 0.82 4.87
CA HIS B 139 -17.23 0.75 6.32
C HIS B 139 -16.97 -0.66 6.84
N GLU B 140 -17.68 -1.65 6.29
CA GLU B 140 -17.49 -3.04 6.68
C GLU B 140 -16.01 -3.41 6.63
N GLU B 141 -15.35 -3.10 5.51
CA GLU B 141 -13.91 -3.35 5.40
C GLU B 141 -13.16 -2.68 6.55
N ILE B 142 -13.42 -1.40 6.78
CA ILE B 142 -12.85 -0.72 7.95
C ILE B 142 -13.24 -1.46 9.22
N ARG B 143 -14.53 -1.80 9.35
CA ARG B 143 -14.98 -2.58 10.48
C ARG B 143 -14.22 -3.89 10.58
N GLU B 144 -13.92 -4.52 9.44
CA GLU B 144 -13.20 -5.78 9.46
C GLU B 144 -11.75 -5.58 9.88
N ASN B 145 -11.19 -4.39 9.63
CA ASN B 145 -9.80 -4.16 9.95
C ASN B 145 -9.58 -3.63 11.36
N LEU B 146 -10.60 -3.02 11.96
CA LEU B 146 -10.46 -2.53 13.33
C LEU B 146 -10.46 -3.68 14.34
N THR B 147 -11.10 -4.80 13.99
CA THR B 147 -11.19 -5.92 14.91
C THR B 147 -9.86 -6.66 15.01
N LEU B 148 -9.72 -7.45 16.07
CA LEU B 148 -8.55 -8.28 16.32
C LEU B 148 -7.25 -7.48 16.27
N SER B 162 -2.99 -12.52 13.74
CA SER B 162 -2.03 -11.56 13.22
C SER B 162 -2.50 -10.13 13.49
N THR B 163 -1.55 -9.19 13.47
CA THR B 163 -1.84 -7.81 13.82
C THR B 163 -1.61 -6.81 12.69
N GLU B 164 -0.98 -7.23 11.59
CA GLU B 164 -0.69 -6.32 10.49
C GLU B 164 -1.94 -6.07 9.65
N ARG B 165 -2.14 -4.83 9.24
CA ARG B 165 -3.27 -4.42 8.42
C ARG B 165 -2.77 -3.61 7.24
N ASP B 166 -3.36 -3.88 6.06
CA ASP B 166 -2.98 -3.19 4.82
C ASP B 166 -4.23 -3.18 3.96
N PHE B 167 -4.78 -1.99 3.70
CA PHE B 167 -6.03 -1.91 2.95
C PHE B 167 -6.13 -0.54 2.29
N PHE B 168 -7.26 -0.32 1.60
CA PHE B 168 -7.59 0.94 0.96
C PHE B 168 -8.95 1.40 1.44
N MET B 169 -9.09 2.70 1.70
CA MET B 169 -10.35 3.24 2.17
C MET B 169 -10.57 4.61 1.56
N ARG B 170 -11.84 4.94 1.28
CA ARG B 170 -12.20 6.23 0.72
C ARG B 170 -12.65 7.15 1.84
N MET B 171 -11.85 8.17 2.12
CA MET B 171 -12.14 9.13 3.17
C MET B 171 -12.54 10.46 2.55
N LYS B 172 -13.28 11.25 3.33
CA LYS B 172 -13.70 12.57 2.88
C LYS B 172 -12.49 13.48 2.69
N CYS B 173 -12.53 14.31 1.66
CA CYS B 173 -11.49 15.29 1.42
C CYS B 173 -12.13 16.56 0.93
N THR B 174 -11.55 17.70 1.32
CA THR B 174 -12.05 19.01 0.92
C THR B 174 -10.99 19.87 0.25
N VAL B 175 -9.77 19.38 0.14
CA VAL B 175 -8.71 20.08 -0.58
C VAL B 175 -8.74 19.64 -2.03
N THR B 176 -8.27 20.51 -2.90
CA THR B 176 -8.19 20.26 -4.34
C THR B 176 -6.72 20.20 -4.76
N ASN B 177 -6.51 19.95 -6.05
CA ASN B 177 -5.15 19.93 -6.59
C ASN B 177 -4.51 21.32 -6.61
N ARG B 178 -5.27 22.37 -6.29
CA ARG B 178 -4.76 23.73 -6.26
C ARG B 178 -4.47 24.21 -4.84
N GLY B 179 -4.72 23.38 -3.83
CA GLY B 179 -4.61 23.78 -2.45
C GLY B 179 -5.85 24.44 -1.87
N ARG B 180 -6.79 24.84 -2.72
CA ARG B 180 -8.03 25.47 -2.24
C ARG B 180 -8.87 24.44 -1.49
N THR B 181 -9.12 24.71 -0.22
CA THR B 181 -9.92 23.83 0.62
C THR B 181 -11.39 24.21 0.54
N VAL B 182 -12.26 23.23 0.37
CA VAL B 182 -13.69 23.46 0.22
C VAL B 182 -14.40 22.91 1.46
N ASN B 183 -15.73 23.01 1.51
CA ASN B 183 -16.49 22.62 2.69
C ASN B 183 -17.03 21.20 2.55
N LEU B 184 -17.54 20.67 3.67
CA LEU B 184 -17.99 19.28 3.72
C LEU B 184 -19.15 19.01 2.77
N LYS B 185 -19.95 20.03 2.45
CA LYS B 185 -21.09 19.81 1.58
C LYS B 185 -20.65 19.37 0.18
N SER B 186 -19.44 19.75 -0.22
CA SER B 186 -18.92 19.43 -1.55
C SER B 186 -17.67 18.54 -1.52
N ALA B 187 -17.49 17.80 -0.43
CA ALA B 187 -16.33 16.94 -0.31
C ALA B 187 -16.26 15.83 -1.34
N THR B 188 -15.03 15.49 -1.75
CA THR B 188 -14.77 14.41 -2.69
C THR B 188 -14.15 13.23 -1.96
N TRP B 189 -14.35 12.04 -2.51
CA TRP B 189 -13.76 10.84 -1.92
C TRP B 189 -12.31 10.71 -2.36
N LYS B 190 -11.41 10.60 -1.38
CA LYS B 190 -9.99 10.38 -1.61
C LYS B 190 -9.61 8.99 -1.14
N VAL B 191 -8.93 8.24 -2.00
CA VAL B 191 -8.49 6.89 -1.67
C VAL B 191 -7.21 6.99 -0.86
N LEU B 192 -7.16 6.29 0.27
CA LEU B 192 -6.02 6.25 1.16
C LEU B 192 -5.60 4.79 1.32
N HIS B 193 -4.33 4.52 1.06
CA HIS B 193 -3.73 3.23 1.37
C HIS B 193 -3.27 3.28 2.83
N CYS B 194 -3.91 2.49 3.68
CA CYS B 194 -3.63 2.48 5.11
C CYS B 194 -2.85 1.22 5.46
N THR B 195 -1.65 1.40 6.01
CA THR B 195 -0.80 0.31 6.47
C THR B 195 -0.47 0.53 7.94
N GLY B 196 -0.72 -0.48 8.77
CA GLY B 196 -0.47 -0.32 10.18
C GLY B 196 -0.65 -1.60 10.96
N GLN B 197 -0.88 -1.43 12.26
CA GLN B 197 -1.01 -2.55 13.18
C GLN B 197 -2.17 -2.29 14.15
N VAL B 198 -2.80 -3.37 14.57
CA VAL B 198 -3.83 -3.32 15.60
C VAL B 198 -3.20 -3.75 16.93
N ARG B 199 -3.57 -3.04 18.00
CA ARG B 199 -2.93 -3.20 19.29
C ARG B 199 -4.00 -3.42 20.36
N VAL B 200 -3.64 -4.19 21.38
CA VAL B 200 -4.50 -4.39 22.54
C VAL B 200 -3.88 -3.55 23.66
N TYR B 201 -4.26 -2.28 23.70
CA TYR B 201 -3.87 -1.39 24.78
C TYR B 201 -4.88 -1.50 25.92
N ASN B 202 -4.38 -1.59 27.14
CA ASN B 202 -5.23 -1.80 28.31
C ASN B 202 -5.44 -0.51 29.07
N LEU B 218 -10.24 -1.27 24.01
CA LEU B 218 -9.08 -2.08 24.34
C LEU B 218 -8.19 -2.30 23.11
N SER B 219 -8.71 -2.01 21.93
CA SER B 219 -7.97 -2.15 20.69
C SER B 219 -7.72 -0.79 20.06
N CYS B 220 -6.74 -0.75 19.17
CA CYS B 220 -6.37 0.50 18.48
C CYS B 220 -5.73 0.16 17.15
N LEU B 221 -6.31 0.66 16.07
CA LEU B 221 -5.71 0.58 14.74
C LEU B 221 -4.80 1.78 14.57
N ILE B 222 -3.49 1.56 14.68
CA ILE B 222 -2.49 2.57 14.41
C ILE B 222 -2.05 2.38 12.97
N ILE B 223 -2.47 3.28 12.08
CA ILE B 223 -2.22 3.13 10.66
C ILE B 223 -1.56 4.41 10.12
N MET B 224 -0.82 4.24 9.05
CA MET B 224 -0.29 5.34 8.25
C MET B 224 -1.06 5.31 6.93
N CYS B 225 -1.76 6.39 6.64
CA CYS B 225 -2.64 6.48 5.47
C CYS B 225 -1.99 7.41 4.46
N GLU B 226 -1.60 6.85 3.32
CA GLU B 226 -0.98 7.60 2.24
C GLU B 226 -1.95 7.76 1.09
N PRO B 227 -2.13 8.97 0.57
CA PRO B 227 -2.89 9.12 -0.68
C PRO B 227 -2.12 8.55 -1.86
N ILE B 228 -2.86 8.23 -2.90
CA ILE B 228 -2.27 7.80 -4.17
C ILE B 228 -2.36 8.98 -5.11
N GLN B 229 -1.21 9.53 -5.50
CA GLN B 229 -1.18 10.74 -6.30
C GLN B 229 -1.87 10.53 -7.64
N HIS B 230 -2.58 11.56 -8.09
CA HIS B 230 -3.20 11.49 -9.40
C HIS B 230 -2.12 11.67 -10.47
N PRO B 231 -2.13 10.86 -11.53
CA PRO B 231 -1.05 10.97 -12.53
C PRO B 231 -1.00 12.33 -13.21
N SER B 232 -2.12 13.06 -13.26
CA SER B 232 -2.12 14.38 -13.87
C SER B 232 -1.46 15.42 -12.98
N HIS B 233 -1.59 15.28 -11.67
CA HIS B 233 -1.06 16.25 -10.71
C HIS B 233 0.00 15.56 -9.86
N MET B 234 1.27 15.79 -10.19
CA MET B 234 2.39 15.16 -9.50
C MET B 234 3.45 16.23 -9.21
N ASP B 235 3.74 16.43 -7.93
CA ASP B 235 4.79 17.35 -7.51
C ASP B 235 6.06 16.62 -7.09
N ILE B 236 6.08 15.29 -7.20
CA ILE B 236 7.24 14.48 -6.84
C ILE B 236 7.97 14.09 -8.12
N PRO B 237 9.30 14.14 -8.14
CA PRO B 237 10.03 13.72 -9.36
C PRO B 237 9.88 12.23 -9.61
N LEU B 238 10.12 11.86 -10.87
CA LEU B 238 10.07 10.48 -11.32
C LEU B 238 11.40 10.10 -11.94
N ASP B 239 11.89 8.91 -11.64
CA ASP B 239 13.18 8.45 -12.10
C ASP B 239 13.06 7.71 -13.42
N SER B 240 14.22 7.45 -14.05
CA SER B 240 14.24 6.71 -15.30
C SER B 240 13.80 5.27 -15.12
N LYS B 241 13.61 4.82 -13.89
CA LYS B 241 13.12 3.49 -13.59
C LYS B 241 11.61 3.46 -13.39
N THR B 242 10.91 4.50 -13.85
CA THR B 242 9.45 4.60 -13.72
C THR B 242 8.88 4.97 -15.08
N PHE B 243 7.81 4.29 -15.48
CA PHE B 243 7.19 4.54 -16.78
C PHE B 243 5.68 4.51 -16.65
N LEU B 244 5.01 5.16 -17.59
CA LEU B 244 3.57 5.32 -17.56
C LEU B 244 2.89 4.29 -18.47
N SER B 245 1.61 4.03 -18.17
CA SER B 245 0.82 3.15 -19.00
C SER B 245 -0.65 3.55 -18.92
N ARG B 246 -1.38 3.27 -19.99
CA ARG B 246 -2.80 3.53 -20.09
C ARG B 246 -3.51 2.21 -20.35
N HIS B 247 -4.67 2.01 -19.71
CA HIS B 247 -5.41 0.78 -19.88
C HIS B 247 -6.90 1.08 -19.98
N SER B 248 -7.62 0.21 -20.69
CA SER B 248 -9.06 0.19 -20.56
C SER B 248 -9.44 -0.38 -19.19
N MET B 249 -10.73 -0.29 -18.86
CA MET B 249 -11.15 -0.66 -17.51
C MET B 249 -11.00 -2.14 -17.22
N ASP B 250 -10.84 -2.99 -18.24
CA ASP B 250 -10.52 -4.39 -18.03
C ASP B 250 -9.02 -4.64 -17.95
N MET B 251 -8.23 -3.58 -17.75
CA MET B 251 -6.78 -3.65 -17.62
C MET B 251 -6.08 -4.06 -18.92
N LYS B 252 -6.75 -3.95 -20.05
CA LYS B 252 -6.10 -4.18 -21.33
C LYS B 252 -5.29 -2.95 -21.73
N PHE B 253 -4.08 -3.17 -22.23
CA PHE B 253 -3.21 -2.08 -22.60
C PHE B 253 -3.82 -1.26 -23.73
N THR B 254 -3.81 0.05 -23.56
CA THR B 254 -4.13 1.00 -24.62
C THR B 254 -2.98 1.95 -24.94
N TYR B 255 -2.11 2.21 -23.97
CA TYR B 255 -0.90 3.00 -24.18
C TYR B 255 0.07 2.69 -23.06
N CYS B 256 1.36 2.83 -23.38
CA CYS B 256 2.40 2.73 -22.37
C CYS B 256 3.64 3.48 -22.87
N ASP B 257 4.50 3.84 -21.93
CA ASP B 257 5.60 4.76 -22.20
C ASP B 257 6.63 4.15 -23.15
N ASP B 258 7.56 5.00 -23.59
CA ASP B 258 8.71 4.54 -24.34
C ASP B 258 9.78 3.93 -23.43
N ARG B 259 9.79 4.30 -22.16
CA ARG B 259 10.75 3.77 -21.21
C ARG B 259 10.63 2.26 -21.03
N ILE B 260 9.47 1.68 -21.36
CA ILE B 260 9.29 0.24 -21.21
C ILE B 260 10.24 -0.51 -22.12
N LEU B 261 10.68 0.11 -23.21
CA LEU B 261 11.62 -0.53 -24.11
C LEU B 261 12.97 -0.73 -23.42
N GLU B 262 13.52 0.34 -22.85
CA GLU B 262 14.80 0.27 -22.17
C GLU B 262 14.69 -0.35 -20.77
N LEU B 263 13.48 -0.56 -20.27
CA LEU B 263 13.28 -1.10 -18.92
C LEU B 263 12.81 -2.54 -18.92
N ILE B 264 11.89 -2.91 -19.82
CA ILE B 264 11.36 -4.27 -19.87
C ILE B 264 11.52 -4.91 -21.24
N GLY B 265 11.98 -4.17 -22.24
CA GLY B 265 12.23 -4.72 -23.56
C GLY B 265 11.06 -4.62 -24.52
N TYR B 266 9.85 -4.38 -24.01
CA TYR B 266 8.68 -4.34 -24.88
C TYR B 266 8.69 -3.07 -25.73
N HIS B 267 8.42 -3.22 -27.01
CA HIS B 267 8.14 -2.07 -27.86
C HIS B 267 6.80 -1.49 -27.45
N PRO B 268 6.73 -0.19 -27.11
CA PRO B 268 5.46 0.36 -26.57
C PRO B 268 4.26 0.11 -27.45
N GLU B 269 4.45 -0.09 -28.76
CA GLU B 269 3.31 -0.24 -29.66
C GLU B 269 2.76 -1.66 -29.67
N GLU B 270 3.62 -2.67 -29.50
CA GLU B 270 3.17 -4.05 -29.58
C GLU B 270 2.32 -4.46 -28.39
N LEU B 271 2.43 -3.76 -27.26
CA LEU B 271 1.65 -4.11 -26.09
C LEU B 271 0.19 -3.65 -26.21
N LEU B 272 -0.11 -2.75 -27.15
CA LEU B 272 -1.45 -2.20 -27.25
C LEU B 272 -2.48 -3.31 -27.51
N GLY B 273 -3.63 -3.19 -26.86
CA GLY B 273 -4.69 -4.16 -27.02
C GLY B 273 -4.46 -5.48 -26.32
N ARG B 274 -3.35 -5.65 -25.62
CA ARG B 274 -3.06 -6.89 -24.92
C ARG B 274 -3.51 -6.81 -23.47
N SER B 275 -4.12 -7.89 -22.99
CA SER B 275 -4.58 -7.95 -21.60
C SER B 275 -3.38 -8.06 -20.67
N ALA B 276 -3.28 -7.14 -19.71
CA ALA B 276 -2.17 -7.16 -18.76
C ALA B 276 -2.15 -8.42 -17.92
N TYR B 277 -3.25 -9.18 -17.89
CA TYR B 277 -3.29 -10.44 -17.17
C TYR B 277 -2.40 -11.51 -17.80
N GLU B 278 -1.98 -11.32 -19.04
CA GLU B 278 -1.10 -12.25 -19.73
C GLU B 278 0.38 -11.88 -19.61
N PHE B 279 0.70 -10.82 -18.88
CA PHE B 279 2.07 -10.29 -18.86
C PHE B 279 2.66 -10.21 -17.47
N TYR B 280 2.01 -10.78 -16.46
CA TYR B 280 2.58 -10.85 -15.12
C TYR B 280 2.72 -12.30 -14.70
N HIS B 281 3.71 -12.57 -13.86
CA HIS B 281 3.94 -13.92 -13.38
C HIS B 281 2.75 -14.38 -12.53
N ALA B 282 2.26 -15.59 -12.83
CA ALA B 282 1.00 -16.05 -12.24
C ALA B 282 1.08 -16.13 -10.72
N LEU B 283 2.28 -16.32 -10.16
CA LEU B 283 2.41 -16.44 -8.71
C LEU B 283 2.02 -15.17 -7.96
N ASP B 284 1.73 -14.08 -8.66
CA ASP B 284 1.29 -12.84 -8.04
C ASP B 284 -0.19 -12.56 -8.27
N SER B 285 -0.91 -13.49 -8.92
CA SER B 285 -2.29 -13.22 -9.35
C SER B 285 -3.16 -12.76 -8.19
N GLU B 286 -3.06 -13.43 -7.04
CA GLU B 286 -3.90 -13.07 -5.89
C GLU B 286 -3.83 -11.57 -5.60
N ASN B 287 -2.64 -10.99 -5.70
CA ASN B 287 -2.51 -9.55 -5.53
C ASN B 287 -3.19 -8.83 -6.69
N MET B 288 -2.75 -9.14 -7.92
CA MET B 288 -3.17 -8.39 -9.10
C MET B 288 -4.69 -8.26 -9.16
N THR B 289 -5.38 -9.40 -9.21
CA THR B 289 -6.84 -9.44 -9.15
C THR B 289 -7.37 -8.45 -8.14
N LYS B 290 -7.00 -8.64 -6.86
CA LYS B 290 -7.49 -7.75 -5.81
C LYS B 290 -7.26 -6.29 -6.17
N SER B 291 -6.03 -5.95 -6.57
CA SER B 291 -5.72 -4.59 -6.98
C SER B 291 -6.73 -4.11 -8.02
N HIS B 292 -6.86 -4.87 -9.13
CA HIS B 292 -7.84 -4.52 -10.15
C HIS B 292 -9.21 -4.32 -9.54
N GLN B 293 -9.65 -5.29 -8.73
CA GLN B 293 -10.95 -5.17 -8.08
C GLN B 293 -11.02 -3.89 -7.27
N ASN B 294 -10.02 -3.63 -6.44
CA ASN B 294 -9.98 -2.38 -5.70
C ASN B 294 -9.98 -1.19 -6.65
N LEU B 295 -9.16 -1.28 -7.71
CA LEU B 295 -9.12 -0.22 -8.71
C LEU B 295 -10.49 0.02 -9.31
N CYS B 296 -11.32 -1.01 -9.38
CA CYS B 296 -12.66 -0.85 -9.94
C CYS B 296 -13.68 -0.40 -8.91
N THR B 297 -13.44 -0.64 -7.62
CA THR B 297 -14.41 -0.29 -6.60
C THR B 297 -14.11 1.05 -5.94
N LYS B 298 -12.84 1.47 -5.94
CA LYS B 298 -12.44 2.71 -5.29
C LYS B 298 -11.89 3.74 -6.25
N GLY B 299 -11.63 3.38 -7.50
CA GLY B 299 -11.03 4.29 -8.46
C GLY B 299 -9.53 4.42 -8.35
N GLN B 300 -8.92 3.93 -7.27
CA GLN B 300 -7.48 4.01 -7.10
C GLN B 300 -7.00 2.77 -6.35
N VAL B 301 -5.74 2.43 -6.56
CA VAL B 301 -5.11 1.30 -5.89
C VAL B 301 -3.60 1.37 -6.09
N VAL B 302 -2.85 0.80 -5.16
CA VAL B 302 -1.42 0.55 -5.33
C VAL B 302 -1.21 -0.95 -5.29
N SER B 303 -0.68 -1.50 -6.36
CA SER B 303 -0.39 -2.92 -6.40
C SER B 303 0.67 -3.27 -5.35
N GLY B 304 0.83 -4.56 -5.11
CA GLY B 304 1.95 -5.03 -4.34
C GLY B 304 3.12 -5.13 -5.29
N GLN B 305 4.25 -5.66 -4.82
CA GLN B 305 5.40 -5.90 -5.67
C GLN B 305 5.31 -7.20 -6.47
N TYR B 306 5.06 -7.08 -7.77
CA TYR B 306 4.78 -8.23 -8.61
C TYR B 306 5.81 -8.32 -9.73
N ARG B 307 5.72 -9.40 -10.51
CA ARG B 307 6.64 -9.65 -11.61
C ARG B 307 5.89 -9.49 -12.93
N MET B 308 6.39 -8.62 -13.79
CA MET B 308 5.92 -8.55 -15.17
C MET B 308 6.91 -9.29 -16.06
N LEU B 309 6.42 -10.28 -16.79
CA LEU B 309 7.27 -11.05 -17.68
C LEU B 309 7.94 -10.13 -18.68
N ALA B 310 9.26 -10.24 -18.81
CA ALA B 310 10.03 -9.37 -19.67
C ALA B 310 9.87 -9.79 -21.14
N LYS B 311 10.51 -9.03 -22.03
CA LYS B 311 10.34 -9.26 -23.47
C LYS B 311 10.92 -10.60 -23.88
N HIS B 312 12.23 -10.76 -23.75
CA HIS B 312 12.93 -11.95 -24.23
C HIS B 312 13.15 -13.06 -23.21
N GLY B 313 12.25 -13.19 -22.23
CA GLY B 313 12.46 -14.08 -21.11
C GLY B 313 12.68 -13.33 -19.81
N GLY B 314 12.37 -14.01 -18.71
CA GLY B 314 12.53 -13.42 -17.40
C GLY B 314 11.44 -12.40 -17.09
N TYR B 315 11.57 -11.79 -15.92
CA TYR B 315 10.60 -10.82 -15.43
C TYR B 315 11.30 -9.66 -14.75
N VAL B 316 10.59 -8.55 -14.64
CA VAL B 316 11.05 -7.38 -13.90
C VAL B 316 10.06 -7.13 -12.77
N TRP B 317 10.56 -6.59 -11.67
CA TRP B 317 9.75 -6.32 -10.49
C TRP B 317 9.13 -4.94 -10.59
N LEU B 318 7.82 -4.88 -10.37
CA LEU B 318 7.03 -3.67 -10.55
C LEU B 318 6.15 -3.42 -9.33
N GLU B 319 6.01 -2.14 -9.00
CA GLU B 319 4.93 -1.64 -8.16
C GLU B 319 4.28 -0.48 -8.89
N THR B 320 2.99 -0.60 -9.19
CA THR B 320 2.28 0.38 -9.99
C THR B 320 1.09 0.93 -9.20
N GLN B 321 0.81 2.21 -9.40
CA GLN B 321 -0.36 2.88 -8.80
C GLN B 321 -1.38 3.11 -9.90
N GLY B 322 -2.48 2.35 -9.86
CA GLY B 322 -3.54 2.49 -10.84
C GLY B 322 -4.59 3.47 -10.34
N THR B 323 -5.01 4.36 -11.23
CA THR B 323 -6.07 5.33 -10.93
C THR B 323 -7.04 5.37 -12.11
N VAL B 324 -8.32 5.16 -11.83
CA VAL B 324 -9.35 5.32 -12.86
C VAL B 324 -9.56 6.80 -13.11
N ILE B 325 -9.45 7.20 -14.37
CA ILE B 325 -9.69 8.58 -14.76
C ILE B 325 -11.03 8.65 -15.47
N TYR B 326 -11.54 9.88 -15.60
CA TYR B 326 -12.86 10.08 -16.19
C TYR B 326 -12.81 11.24 -17.17
N ASN B 327 -13.47 11.04 -18.31
CA ASN B 327 -13.65 12.13 -19.28
C ASN B 327 -14.52 13.20 -18.65
N PRO B 328 -14.04 14.44 -18.50
CA PRO B 328 -14.79 15.45 -17.75
C PRO B 328 -16.02 15.98 -18.46
N ARG B 329 -16.26 15.60 -19.73
CA ARG B 329 -17.45 16.09 -20.42
C ARG B 329 -18.66 15.18 -20.27
N ASN B 330 -18.45 13.89 -20.00
CA ASN B 330 -19.55 12.97 -19.74
C ASN B 330 -19.43 12.27 -18.39
N LEU B 331 -18.33 12.49 -17.66
CA LEU B 331 -18.14 12.02 -16.29
C LEU B 331 -18.21 10.51 -16.16
N GLN B 332 -17.94 9.79 -17.25
CA GLN B 332 -17.92 8.34 -17.22
C GLN B 332 -16.49 7.83 -17.14
N PRO B 333 -16.29 6.62 -16.62
CA PRO B 333 -14.92 6.06 -16.54
C PRO B 333 -14.29 5.96 -17.92
N GLN B 334 -13.22 6.72 -18.13
CA GLN B 334 -12.54 6.76 -19.42
C GLN B 334 -11.50 5.66 -19.55
N CYS B 335 -10.54 5.64 -18.62
CA CYS B 335 -9.46 4.65 -18.67
C CYS B 335 -8.75 4.67 -17.32
N ILE B 336 -7.70 3.85 -17.21
CA ILE B 336 -6.94 3.66 -15.98
C ILE B 336 -5.50 4.03 -16.28
N MET B 337 -4.95 4.97 -15.50
CA MET B 337 -3.57 5.40 -15.68
C MET B 337 -2.69 4.76 -14.62
N CYS B 338 -1.63 4.08 -15.05
CA CYS B 338 -0.75 3.35 -14.15
C CYS B 338 0.64 3.96 -14.21
N VAL B 339 1.14 4.37 -13.05
CA VAL B 339 2.52 4.83 -12.91
C VAL B 339 3.31 3.66 -12.35
N ASN B 340 4.12 3.02 -13.18
CA ASN B 340 4.76 1.76 -12.86
C ASN B 340 6.22 2.01 -12.46
N TYR B 341 6.56 1.65 -11.23
CA TYR B 341 7.93 1.76 -10.73
C TYR B 341 8.63 0.43 -10.94
N VAL B 342 9.61 0.41 -11.85
CA VAL B 342 10.41 -0.78 -12.08
C VAL B 342 11.39 -0.92 -10.92
N LEU B 343 11.28 -2.02 -10.18
CA LEU B 343 12.01 -2.21 -8.94
C LEU B 343 13.27 -3.04 -9.09
N SER B 344 13.55 -3.55 -10.29
CA SER B 344 14.72 -4.39 -10.50
C SER B 344 15.02 -4.47 -11.99
N GLU B 345 16.13 -5.12 -12.31
CA GLU B 345 16.45 -5.46 -13.69
C GLU B 345 15.68 -6.72 -14.08
N ILE B 346 15.97 -7.26 -15.26
CA ILE B 346 15.33 -8.50 -15.69
C ILE B 346 15.92 -9.66 -14.91
N GLU B 347 15.08 -10.39 -14.19
CA GLU B 347 15.49 -11.54 -13.41
C GLU B 347 15.07 -12.83 -14.12
N LYS B 348 15.96 -13.82 -14.09
CA LYS B 348 15.72 -15.12 -14.73
C LYS B 348 15.46 -14.98 -16.22
N ASN B 349 16.22 -14.08 -16.86
CA ASN B 349 16.06 -13.83 -18.30
C ASN B 349 16.39 -15.04 -19.16
N ASP B 350 16.99 -16.09 -18.58
CA ASP B 350 17.18 -17.34 -19.28
C ASP B 350 15.98 -18.28 -19.17
N VAL B 351 14.97 -17.91 -18.38
CA VAL B 351 13.78 -18.71 -18.17
C VAL B 351 12.61 -17.95 -18.78
N VAL B 352 12.11 -18.44 -19.90
CA VAL B 352 10.88 -17.89 -20.47
C VAL B 352 9.68 -18.54 -19.81
N PHE B 353 8.62 -17.78 -19.66
CA PHE B 353 7.43 -18.27 -18.97
C PHE B 353 6.20 -18.33 -19.87
N SER B 354 5.99 -17.33 -20.71
CA SER B 354 4.80 -17.26 -21.55
C SER B 354 5.18 -17.41 -23.02
N MET B 355 4.15 -17.57 -23.85
CA MET B 355 4.37 -17.65 -25.29
C MET B 355 4.92 -16.35 -25.85
N ASP B 356 4.56 -15.22 -25.24
CA ASP B 356 5.06 -13.93 -25.71
C ASP B 356 6.57 -13.83 -25.61
N GLN B 357 7.19 -14.67 -24.78
CA GLN B 357 8.64 -14.72 -24.66
C GLN B 357 9.24 -15.77 -25.59
N THR B 358 8.54 -16.89 -25.78
CA THR B 358 9.05 -17.96 -26.64
C THR B 358 8.97 -17.54 -28.11
N GLU B 359 7.84 -16.98 -28.53
CA GLU B 359 7.74 -16.43 -29.88
C GLU B 359 8.81 -15.37 -30.12
N SER B 360 9.13 -14.60 -29.08
CA SER B 360 10.23 -13.64 -29.14
C SER B 360 11.44 -14.55 -28.89
N LEU B 361 11.88 -15.21 -29.96
CA LEU B 361 13.05 -16.08 -30.00
C LEU B 361 13.70 -16.44 -28.66
#